data_4F0G
#
_entry.id   4F0G
#
_cell.length_a   42.812
_cell.length_b   42.812
_cell.length_c   348.223
_cell.angle_alpha   90.00
_cell.angle_beta   90.00
_cell.angle_gamma   90.00
#
_symmetry.space_group_name_H-M   'P 43 21 2'
#
loop_
_entity.id
_entity.type
_entity.pdbx_description
1 polymer 'Serine/threonine-protein kinase roco4'
2 water water
#
_entity_poly.entity_id   1
_entity_poly.type   'polypeptide(L)'
_entity_poly.pdbx_seq_one_letter_code
;GAMGGSEFPKSRLPTLADNEIEYEKQIGKGGFGLVHKGRLVKDKSVVAIKSLILGDSEGETEMIEKFQEFQREVFIMSNL
NHPNIVKLYGLMHNPPRMVMEFVPCGDLYHRLLDKAHPIKWSVKLRLMLDIALGIEYMQNQNPPIVHRDLRSPNIFLQSL
DENAPVCAKVADFGLSQQSVHSVSGLLGNFQWMAPETIGAEEESYTEKADTYSFAMILYTILTGEGPFDEYSYGKIKFIN
MIREEGLRPTIPEDCPPRLRNVIELCWSGDPKKRPHFSYIVKELSEL
;
_entity_poly.pdbx_strand_id   A
#
# COMPACT_ATOMS: atom_id res chain seq x y z
N SER A 11 -6.70 8.52 17.77
CA SER A 11 -6.17 9.55 18.73
C SER A 11 -6.33 10.96 18.17
N ARG A 12 -5.36 11.83 18.44
CA ARG A 12 -5.42 13.24 18.07
C ARG A 12 -5.42 13.47 16.55
N LEU A 13 -6.55 14.00 16.07
CA LEU A 13 -6.70 14.36 14.66
C LEU A 13 -7.33 15.75 14.54
N PRO A 14 -6.49 16.78 14.28
CA PRO A 14 -6.94 18.17 14.19
C PRO A 14 -7.94 18.43 13.06
N THR A 15 -8.75 19.46 13.24
CA THR A 15 -9.76 19.86 12.25
C THR A 15 -9.32 21.13 11.52
N LEU A 16 -9.54 21.16 10.21
CA LEU A 16 -9.17 22.31 9.39
C LEU A 16 -10.36 22.87 8.61
N ALA A 17 -10.47 24.20 8.59
CA ALA A 17 -11.54 24.89 7.87
C ALA A 17 -11.03 25.38 6.51
N ASP A 18 -11.96 25.85 5.66
CA ASP A 18 -11.64 26.28 4.30
C ASP A 18 -10.62 27.43 4.22
N ASN A 19 -10.58 28.26 5.26
CA ASN A 19 -9.60 29.35 5.35
C ASN A 19 -8.18 28.87 5.63
N GLU A 20 -8.05 27.63 6.10
CA GLU A 20 -6.76 27.02 6.40
C GLU A 20 -6.18 26.23 5.21
N ILE A 21 -7.03 25.96 4.22
CA ILE A 21 -6.68 25.14 3.07
C ILE A 21 -6.77 25.94 1.77
N GLU A 22 -5.75 25.82 0.91
CA GLU A 22 -5.80 26.37 -0.44
C GLU A 22 -5.97 25.27 -1.48
N TYR A 23 -6.94 25.43 -2.36
CA TYR A 23 -7.22 24.48 -3.43
C TYR A 23 -6.44 24.81 -4.72
N GLU A 24 -6.24 23.80 -5.56
CA GLU A 24 -5.49 23.97 -6.81
C GLU A 24 -6.11 23.21 -8.00
N LYS A 25 -5.97 21.89 -8.01
CA LYS A 25 -6.44 21.06 -9.13
C LYS A 25 -7.24 19.84 -8.64
N GLN A 26 -7.82 19.10 -9.58
CA GLN A 26 -8.49 17.83 -9.27
C GLN A 26 -7.65 16.66 -9.79
N ILE A 27 -7.16 15.84 -8.86
CA ILE A 27 -6.28 14.71 -9.19
C ILE A 27 -7.04 13.55 -9.82
N GLY A 28 -8.17 13.16 -9.23
CA GLY A 28 -8.98 12.08 -9.77
C GLY A 28 -10.21 11.72 -8.95
N LYS A 29 -10.79 10.58 -9.27
CA LYS A 29 -11.97 10.06 -8.59
C LYS A 29 -11.58 8.86 -7.72
N GLY A 30 -12.03 8.88 -6.46
CA GLY A 30 -11.75 7.80 -5.52
C GLY A 30 -12.94 6.86 -5.35
N GLY A 31 -12.88 6.04 -4.29
CA GLY A 31 -13.94 5.08 -4.00
C GLY A 31 -15.20 5.70 -3.41
N PHE A 32 -15.02 6.82 -2.69
CA PHE A 32 -16.13 7.49 -2.02
C PHE A 32 -16.28 8.97 -2.39
N GLY A 33 -15.42 9.46 -3.28
CA GLY A 33 -15.50 10.85 -3.73
C GLY A 33 -14.41 11.30 -4.67
N LEU A 34 -13.92 12.53 -4.45
CA LEU A 34 -12.95 13.17 -5.34
C LEU A 34 -11.61 13.42 -4.65
N VAL A 35 -10.55 13.47 -5.45
CA VAL A 35 -9.19 13.74 -4.95
C VAL A 35 -8.70 15.09 -5.49
N HIS A 36 -8.14 15.90 -4.61
CA HIS A 36 -7.71 17.25 -4.96
C HIS A 36 -6.30 17.58 -4.49
N LYS A 37 -5.55 18.26 -5.35
CA LYS A 37 -4.23 18.79 -5.01
C LYS A 37 -4.41 20.15 -4.34
N GLY A 38 -3.69 20.38 -3.25
CA GLY A 38 -3.82 21.62 -2.50
C GLY A 38 -2.58 22.04 -1.73
N ARG A 39 -2.76 22.94 -0.77
CA ARG A 39 -1.67 23.46 0.04
C ARG A 39 -2.20 24.08 1.33
N LEU A 40 -1.52 23.78 2.45
CA LEU A 40 -1.79 24.45 3.71
C LEU A 40 -1.25 25.87 3.66
N VAL A 41 -2.07 26.85 4.03
CA VAL A 41 -1.61 28.25 4.07
C VAL A 41 -0.80 28.51 5.34
N LYS A 42 -1.00 27.66 6.35
CA LYS A 42 -0.28 27.74 7.61
C LYS A 42 1.15 27.19 7.47
N ASP A 43 1.26 26.02 6.85
CA ASP A 43 2.55 25.32 6.72
C ASP A 43 3.20 25.53 5.35
N LYS A 44 2.40 25.96 4.38
CA LYS A 44 2.83 26.12 2.97
C LYS A 44 3.19 24.81 2.26
N SER A 45 2.92 23.70 2.93
CA SER A 45 3.20 22.36 2.40
C SER A 45 2.03 21.81 1.57
N VAL A 46 2.38 21.10 0.51
CA VAL A 46 1.41 20.56 -0.46
C VAL A 46 0.65 19.34 0.09
N VAL A 47 -0.66 19.30 -0.18
CA VAL A 47 -1.54 18.25 0.35
C VAL A 47 -2.42 17.59 -0.71
N ALA A 48 -2.82 16.34 -0.44
CA ALA A 48 -3.84 15.64 -1.21
C ALA A 48 -5.11 15.53 -0.37
N ILE A 49 -6.24 15.93 -0.97
CA ILE A 49 -7.51 15.99 -0.24
C ILE A 49 -8.53 15.00 -0.80
N LYS A 50 -8.94 14.05 0.04
CA LYS A 50 -9.93 13.04 -0.34
C LYS A 50 -11.31 13.38 0.24
N SER A 51 -12.28 13.58 -0.65
CA SER A 51 -13.63 13.99 -0.24
C SER A 51 -14.62 12.82 -0.21
N LEU A 52 -15.68 12.99 0.57
CA LEU A 52 -16.80 12.05 0.59
C LEU A 52 -17.98 12.66 -0.13
N ILE A 53 -18.50 11.92 -1.12
CA ILE A 53 -19.61 12.38 -1.95
C ILE A 53 -20.72 11.33 -1.97
N LEU A 54 -21.94 11.66 -1.74
CA LEU A 54 -22.79 10.52 -1.56
C LEU A 54 -23.41 10.22 -2.90
N GLY A 55 -23.19 9.02 -3.41
CA GLY A 55 -23.57 8.68 -4.79
C GLY A 55 -25.04 8.70 -5.10
N ASP A 56 -25.42 9.27 -6.23
CA ASP A 56 -26.67 10.01 -6.41
C ASP A 56 -27.94 9.21 -6.08
N SER A 57 -27.95 7.93 -6.38
CA SER A 57 -28.92 7.00 -5.83
C SER A 57 -28.20 5.70 -5.47
N GLU A 58 -27.67 5.01 -6.47
CA GLU A 58 -26.46 4.23 -6.38
C GLU A 58 -26.58 2.96 -5.51
N GLY A 59 -27.81 2.74 -5.11
CA GLY A 59 -28.37 1.98 -3.99
C GLY A 59 -28.28 2.60 -2.60
N GLU A 60 -29.31 2.32 -1.80
CA GLU A 60 -29.38 2.74 -0.40
C GLU A 60 -28.18 2.24 0.40
N THR A 61 -27.88 0.96 0.26
CA THR A 61 -26.78 0.31 0.99
C THR A 61 -25.39 0.75 0.49
N GLU A 62 -25.32 1.25 -0.74
CA GLU A 62 -24.06 1.75 -1.31
C GLU A 62 -23.61 3.05 -0.66
N MET A 63 -24.57 3.89 -0.28
CA MET A 63 -24.28 5.16 0.40
C MET A 63 -23.80 4.94 1.83
N ILE A 64 -24.34 3.91 2.47
CA ILE A 64 -23.97 3.55 3.84
C ILE A 64 -22.52 3.07 3.92
N GLU A 65 -22.15 2.16 3.01
CA GLU A 65 -20.80 1.60 2.97
C GLU A 65 -19.75 2.63 2.54
N LYS A 66 -20.16 3.59 1.72
CA LYS A 66 -19.29 4.70 1.33
C LYS A 66 -18.89 5.53 2.55
N PHE A 67 -19.88 5.82 3.40
CA PHE A 67 -19.66 6.57 4.63
C PHE A 67 -18.78 5.79 5.60
N GLN A 68 -19.07 4.50 5.74
CA GLN A 68 -18.35 3.64 6.67
C GLN A 68 -16.91 3.34 6.25
N GLU A 69 -16.66 3.33 4.95
CA GLU A 69 -15.30 3.18 4.42
C GLU A 69 -14.48 4.45 4.67
N PHE A 70 -15.09 5.61 4.44
CA PHE A 70 -14.48 6.90 4.74
C PHE A 70 -14.05 6.98 6.20
N GLN A 71 -14.97 6.59 7.10
CA GLN A 71 -14.72 6.59 8.54
C GLN A 71 -13.62 5.59 8.94
N ARG A 72 -13.64 4.42 8.30
CA ARG A 72 -12.63 3.40 8.56
C ARG A 72 -11.23 3.92 8.20
N GLU A 73 -11.13 4.61 7.06
CA GLU A 73 -9.86 5.19 6.64
C GLU A 73 -9.39 6.29 7.60
N VAL A 74 -10.32 7.12 8.08
CA VAL A 74 -10.01 8.14 9.09
C VAL A 74 -9.44 7.47 10.35
N PHE A 75 -10.16 6.46 10.85
CA PHE A 75 -9.78 5.75 12.06
C PHE A 75 -8.38 5.11 11.98
N ILE A 76 -8.08 4.49 10.84
CA ILE A 76 -6.80 3.81 10.65
C ILE A 76 -5.63 4.82 10.54
N MET A 77 -5.82 5.84 9.72
CA MET A 77 -4.75 6.83 9.44
C MET A 77 -4.43 7.75 10.61
N SER A 78 -5.40 7.98 11.48
CA SER A 78 -5.26 8.93 12.59
C SER A 78 -4.31 8.45 13.70
N ASN A 79 -4.03 7.14 13.71
CA ASN A 79 -3.17 6.55 14.73
C ASN A 79 -1.77 6.16 14.23
N LEU A 80 -1.57 6.22 12.92
CA LEU A 80 -0.29 5.88 12.31
C LEU A 80 0.60 7.10 12.17
N ASN A 81 1.83 7.00 12.67
CA ASN A 81 2.81 8.08 12.60
C ASN A 81 4.20 7.53 12.30
N HIS A 82 4.50 7.42 11.01
CA HIS A 82 5.76 6.83 10.54
C HIS A 82 6.09 7.44 9.17
N PRO A 83 7.39 7.71 8.92
CA PRO A 83 7.83 8.35 7.66
C PRO A 83 7.56 7.54 6.39
N ASN A 84 7.41 6.22 6.51
CA ASN A 84 7.13 5.36 5.36
C ASN A 84 5.65 5.03 5.21
N ILE A 85 4.81 5.82 5.88
CA ILE A 85 3.36 5.72 5.77
C ILE A 85 2.82 7.13 5.55
N VAL A 86 1.95 7.28 4.56
CA VAL A 86 1.35 8.58 4.24
C VAL A 86 0.60 9.13 5.47
N LYS A 87 0.85 10.40 5.79
CA LYS A 87 0.30 11.04 6.98
C LYS A 87 -1.03 11.74 6.73
N LEU A 88 -1.96 11.58 7.67
CA LEU A 88 -3.19 12.37 7.68
C LEU A 88 -2.96 13.61 8.54
N TYR A 89 -3.03 14.78 7.90
CA TYR A 89 -2.83 16.04 8.60
C TYR A 89 -4.08 16.46 9.38
N GLY A 90 -5.25 16.34 8.75
CA GLY A 90 -6.49 16.72 9.41
C GLY A 90 -7.78 16.37 8.69
N LEU A 91 -8.89 16.88 9.22
CA LEU A 91 -10.23 16.61 8.70
C LEU A 91 -10.97 17.90 8.36
N MET A 92 -11.89 17.83 7.43
CA MET A 92 -12.67 18.95 7.08
C MET A 92 -14.12 18.51 7.07
N HIS A 93 -15.02 19.47 7.21
CA HIS A 93 -16.42 19.16 7.29
C HIS A 93 -17.34 19.56 6.20
N ASN A 94 -17.20 20.75 5.61
CA ASN A 94 -18.33 21.19 4.82
C ASN A 94 -18.81 20.01 4.04
N PRO A 95 -18.02 19.52 3.12
CA PRO A 95 -18.13 18.14 2.67
C PRO A 95 -17.01 17.43 3.42
N PRO A 96 -17.25 16.24 3.92
CA PRO A 96 -16.27 15.59 4.76
C PRO A 96 -15.03 15.27 3.95
N ARG A 97 -13.88 15.57 4.50
CA ARG A 97 -12.66 15.46 3.78
C ARG A 97 -11.53 14.97 4.63
N MET A 98 -10.61 14.27 4.02
CA MET A 98 -9.34 13.92 4.65
C MET A 98 -8.21 14.75 4.02
N VAL A 99 -7.41 15.37 4.87
CA VAL A 99 -6.27 16.15 4.40
C VAL A 99 -4.99 15.35 4.67
N MET A 100 -4.42 14.80 3.60
CA MET A 100 -3.22 13.97 3.69
C MET A 100 -2.06 14.61 2.95
N GLU A 101 -0.84 14.25 3.36
CA GLU A 101 0.37 14.72 2.67
C GLU A 101 0.40 14.27 1.21
N PHE A 102 0.87 15.16 0.34
CA PHE A 102 1.00 14.84 -1.07
C PHE A 102 2.39 14.25 -1.35
N VAL A 103 2.40 13.12 -2.06
CA VAL A 103 3.63 12.42 -2.39
C VAL A 103 3.93 12.67 -3.88
N PRO A 104 5.06 13.35 -4.18
CA PRO A 104 5.25 14.01 -5.47
C PRO A 104 5.70 13.17 -6.68
N CYS A 105 6.16 11.94 -6.47
CA CYS A 105 6.71 11.15 -7.59
C CYS A 105 5.88 9.96 -8.05
N GLY A 106 4.56 10.06 -7.90
CA GLY A 106 3.63 9.03 -8.39
C GLY A 106 3.65 7.77 -7.55
N ASP A 107 3.30 6.65 -8.18
CA ASP A 107 3.24 5.36 -7.47
C ASP A 107 4.17 4.33 -8.10
N LEU A 108 4.47 3.28 -7.34
CA LEU A 108 5.38 2.21 -7.75
C LEU A 108 4.93 1.48 -9.02
N TYR A 109 3.64 1.21 -9.12
CA TYR A 109 3.11 0.48 -10.28
C TYR A 109 3.47 1.20 -11.58
N HIS A 110 3.14 2.49 -11.67
CA HIS A 110 3.37 3.25 -12.89
C HIS A 110 4.86 3.44 -13.20
N ARG A 111 5.68 3.64 -12.16
CA ARG A 111 7.14 3.77 -12.35
C ARG A 111 7.76 2.51 -12.96
N LEU A 112 7.32 1.34 -12.52
CA LEU A 112 7.89 0.08 -13.00
C LEU A 112 7.52 -0.23 -14.44
N LEU A 113 6.43 0.35 -14.92
CA LEU A 113 6.00 0.22 -16.32
C LEU A 113 7.00 0.84 -17.31
N ASP A 114 7.78 1.82 -16.83
CA ASP A 114 8.81 2.45 -17.64
C ASP A 114 10.03 1.53 -17.77
N LYS A 115 9.94 0.62 -18.73
CA LYS A 115 10.95 -0.35 -19.00
C LYS A 115 12.20 0.24 -19.63
N ALA A 116 12.11 1.38 -20.24
CA ALA A 116 13.27 1.99 -20.85
C ALA A 116 14.21 2.58 -19.82
N HIS A 117 13.68 2.83 -18.65
CA HIS A 117 14.46 3.42 -17.56
C HIS A 117 14.36 2.57 -16.29
N PRO A 118 15.09 1.44 -16.25
CA PRO A 118 15.06 0.56 -15.08
C PRO A 118 15.59 1.29 -13.84
N ILE A 119 14.91 1.10 -12.72
CA ILE A 119 15.35 1.62 -11.42
C ILE A 119 16.65 0.90 -11.04
N LYS A 120 17.69 1.65 -10.72
CA LYS A 120 18.97 1.03 -10.40
C LYS A 120 18.92 0.28 -9.07
N TRP A 121 19.79 -0.70 -8.94
CA TRP A 121 19.80 -1.65 -7.84
C TRP A 121 19.77 -1.02 -6.44
N SER A 122 20.56 0.04 -6.24
CA SER A 122 20.64 0.69 -4.92
C SER A 122 19.30 1.32 -4.55
N VAL A 123 18.59 1.86 -5.54
CA VAL A 123 17.28 2.47 -5.31
C VAL A 123 16.23 1.37 -5.05
N LYS A 124 16.32 0.28 -5.81
CA LYS A 124 15.44 -0.87 -5.57
C LYS A 124 15.51 -1.32 -4.11
N LEU A 125 16.73 -1.40 -3.56
CA LEU A 125 16.91 -1.79 -2.15
C LEU A 125 16.31 -0.80 -1.16
N ARG A 126 16.45 0.51 -1.45
CA ARG A 126 15.83 1.55 -0.63
C ARG A 126 14.32 1.40 -0.60
N LEU A 127 13.74 1.11 -1.76
CA LEU A 127 12.30 0.94 -1.87
C LEU A 127 11.84 -0.26 -1.06
N MET A 128 12.57 -1.38 -1.19
CA MET A 128 12.26 -2.59 -0.44
C MET A 128 12.29 -2.36 1.06
N LEU A 129 13.37 -1.73 1.54
CA LEU A 129 13.56 -1.42 2.96
C LEU A 129 12.53 -0.43 3.50
N ASP A 130 12.26 0.63 2.74
CA ASP A 130 11.28 1.64 3.11
C ASP A 130 9.89 1.05 3.39
N ILE A 131 9.43 0.19 2.50
CA ILE A 131 8.11 -0.43 2.60
C ILE A 131 8.09 -1.40 3.79
N ALA A 132 9.14 -2.21 3.90
CA ALA A 132 9.32 -3.13 5.02
C ALA A 132 9.26 -2.40 6.38
N LEU A 133 9.90 -1.24 6.45
CA LEU A 133 9.91 -0.44 7.66
C LEU A 133 8.51 0.02 8.02
N GLY A 134 7.76 0.46 7.00
CA GLY A 134 6.37 0.87 7.17
C GLY A 134 5.47 -0.24 7.68
N ILE A 135 5.61 -1.43 7.09
CA ILE A 135 4.81 -2.58 7.50
C ILE A 135 5.23 -3.11 8.88
N GLU A 136 6.53 -3.09 9.16
CA GLU A 136 7.04 -3.45 10.48
C GLU A 136 6.35 -2.63 11.57
N TYR A 137 6.24 -1.32 11.34
CA TYR A 137 5.57 -0.40 12.25
C TYR A 137 4.10 -0.76 12.42
N MET A 138 3.42 -1.03 11.31
CA MET A 138 2.00 -1.43 11.33
C MET A 138 1.77 -2.65 12.20
N GLN A 139 2.63 -3.66 12.06
CA GLN A 139 2.47 -4.92 12.77
C GLN A 139 2.92 -4.84 14.23
N ASN A 140 3.61 -3.75 14.58
CA ASN A 140 4.04 -3.49 15.96
C ASN A 140 3.02 -2.73 16.80
N GLN A 141 1.92 -2.31 16.17
CA GLN A 141 0.85 -1.59 16.87
C GLN A 141 0.01 -2.55 17.70
N ASN A 142 -0.76 -1.99 18.63
CA ASN A 142 -1.68 -2.77 19.47
C ASN A 142 -3.13 -2.32 19.29
N PRO A 143 -3.95 -3.12 18.58
CA PRO A 143 -3.57 -4.35 17.89
C PRO A 143 -2.86 -4.05 16.56
N PRO A 144 -2.22 -5.06 15.94
CA PRO A 144 -1.54 -4.85 14.66
C PRO A 144 -2.47 -4.32 13.56
N ILE A 145 -1.98 -3.32 12.82
CA ILE A 145 -2.72 -2.73 11.72
C ILE A 145 -2.53 -3.57 10.45
N VAL A 146 -3.63 -3.92 9.81
CA VAL A 146 -3.60 -4.68 8.55
C VAL A 146 -4.11 -3.80 7.41
N HIS A 147 -3.29 -3.66 6.37
CA HIS A 147 -3.62 -2.86 5.21
C HIS A 147 -4.72 -3.51 4.35
N ARG A 148 -4.57 -4.81 4.08
CA ARG A 148 -5.55 -5.61 3.32
C ARG A 148 -5.73 -5.26 1.84
N ASP A 149 -4.90 -4.36 1.31
CA ASP A 149 -4.85 -4.07 -0.12
C ASP A 149 -3.45 -3.66 -0.60
N LEU A 150 -2.43 -4.38 -0.12
CA LEU A 150 -1.06 -4.08 -0.50
C LEU A 150 -0.73 -4.58 -1.91
N ARG A 151 -0.39 -3.62 -2.76
CA ARG A 151 0.00 -3.87 -4.15
C ARG A 151 0.74 -2.61 -4.64
N SER A 152 1.44 -2.72 -5.76
CA SER A 152 2.29 -1.63 -6.25
C SER A 152 1.59 -0.28 -6.56
N PRO A 153 0.29 -0.29 -6.94
CA PRO A 153 -0.39 1.01 -7.07
C PRO A 153 -0.59 1.75 -5.74
N ASN A 154 -0.52 1.04 -4.61
CA ASN A 154 -0.70 1.66 -3.29
C ASN A 154 0.61 2.00 -2.58
N ILE A 155 1.72 1.89 -3.30
CA ILE A 155 3.03 2.33 -2.83
C ILE A 155 3.35 3.65 -3.52
N PHE A 156 3.40 4.72 -2.74
CA PHE A 156 3.62 6.07 -3.26
C PHE A 156 5.10 6.43 -3.18
N LEU A 157 5.61 7.08 -4.22
CA LEU A 157 7.03 7.37 -4.30
C LEU A 157 7.33 8.82 -3.95
N GLN A 158 8.05 9.00 -2.84
CA GLN A 158 8.48 10.33 -2.40
C GLN A 158 9.64 10.84 -3.25
N SER A 159 10.61 9.96 -3.49
CA SER A 159 11.83 10.29 -4.23
C SER A 159 12.49 9.01 -4.75
N LEU A 160 13.16 9.13 -5.90
CA LEU A 160 13.94 8.02 -6.43
C LEU A 160 15.45 8.25 -6.27
N ASP A 161 15.81 9.25 -5.47
CA ASP A 161 17.19 9.48 -5.08
C ASP A 161 17.57 8.48 -4.00
N GLU A 162 18.63 7.72 -4.25
CA GLU A 162 19.12 6.70 -3.31
C GLU A 162 19.51 7.26 -1.94
N ASN A 163 19.76 8.58 -1.89
CA ASN A 163 20.19 9.27 -0.68
C ASN A 163 19.11 10.08 0.02
N ALA A 164 17.87 10.02 -0.48
CA ALA A 164 16.75 10.74 0.12
C ALA A 164 16.40 10.14 1.48
N PRO A 165 15.93 10.98 2.43
CA PRO A 165 15.48 10.45 3.73
C PRO A 165 14.37 9.40 3.59
N VAL A 166 13.42 9.65 2.69
CA VAL A 166 12.32 8.71 2.44
C VAL A 166 12.12 8.56 0.93
N CYS A 167 12.13 7.33 0.46
CA CYS A 167 11.88 7.04 -0.96
C CYS A 167 10.43 6.59 -1.22
N ALA A 168 9.95 5.64 -0.43
CA ALA A 168 8.61 5.09 -0.62
C ALA A 168 7.72 5.19 0.63
N LYS A 169 6.43 5.35 0.40
CA LYS A 169 5.44 5.43 1.47
C LYS A 169 4.27 4.49 1.19
N VAL A 170 3.77 3.83 2.23
CA VAL A 170 2.59 2.98 2.12
C VAL A 170 1.34 3.85 2.20
N ALA A 171 0.43 3.67 1.25
CA ALA A 171 -0.76 4.51 1.13
C ALA A 171 -2.04 3.74 0.80
N ASP A 172 -3.17 4.46 0.77
CA ASP A 172 -4.49 3.94 0.40
C ASP A 172 -4.84 2.63 1.10
N PHE A 173 -4.92 2.68 2.43
CA PHE A 173 -5.24 1.50 3.24
C PHE A 173 -6.62 0.94 2.86
N GLY A 174 -6.69 -0.38 2.71
CA GLY A 174 -7.92 -1.07 2.31
C GLY A 174 -8.95 -1.13 3.41
N ASN A 189 -7.54 -8.53 -8.38
CA ASN A 189 -6.25 -8.38 -7.70
C ASN A 189 -5.88 -9.57 -6.82
N PHE A 190 -6.36 -10.76 -7.19
CA PHE A 190 -6.09 -11.98 -6.42
C PHE A 190 -4.61 -12.39 -6.46
N GLN A 191 -3.88 -11.86 -7.45
CA GLN A 191 -2.45 -12.11 -7.62
C GLN A 191 -1.59 -11.41 -6.56
N TRP A 192 -2.19 -10.54 -5.77
CA TRP A 192 -1.49 -9.89 -4.65
C TRP A 192 -1.91 -10.48 -3.29
N MET A 193 -2.97 -11.29 -3.31
CA MET A 193 -3.65 -11.72 -2.07
C MET A 193 -3.22 -13.10 -1.58
N ALA A 194 -3.02 -13.21 -0.27
CA ALA A 194 -2.68 -14.49 0.37
C ALA A 194 -3.76 -15.53 0.14
N PRO A 195 -3.36 -16.80 -0.12
CA PRO A 195 -4.29 -17.88 -0.47
C PRO A 195 -5.46 -18.04 0.51
N GLU A 196 -5.21 -17.88 1.80
CA GLU A 196 -6.27 -18.00 2.82
C GLU A 196 -7.28 -16.84 2.83
N THR A 197 -7.04 -15.81 2.03
CA THR A 197 -7.94 -14.66 1.96
C THR A 197 -8.88 -14.70 0.75
N ILE A 198 -8.53 -15.51 -0.25
CA ILE A 198 -9.29 -15.56 -1.50
C ILE A 198 -10.67 -16.22 -1.29
N GLY A 199 -11.71 -15.42 -1.51
CA GLY A 199 -13.11 -15.87 -1.37
C GLY A 199 -13.48 -16.27 0.05
N ALA A 200 -12.74 -15.72 1.02
CA ALA A 200 -12.94 -16.08 2.42
C ALA A 200 -13.60 -14.94 3.20
N GLU A 201 -14.28 -15.31 4.27
CA GLU A 201 -14.89 -14.37 5.20
C GLU A 201 -13.80 -13.41 5.67
N GLU A 202 -14.04 -12.11 5.47
CA GLU A 202 -13.01 -11.06 5.61
C GLU A 202 -12.14 -11.13 6.88
N GLU A 203 -12.68 -11.66 7.96
CA GLU A 203 -11.94 -11.68 9.23
C GLU A 203 -10.89 -12.80 9.31
N SER A 204 -10.59 -13.42 8.17
CA SER A 204 -9.48 -14.36 8.03
C SER A 204 -8.20 -13.62 7.63
N TYR A 205 -8.34 -12.34 7.28
CA TYR A 205 -7.21 -11.46 6.98
C TYR A 205 -6.46 -11.14 8.28
N THR A 206 -5.38 -11.88 8.53
CA THR A 206 -4.47 -11.57 9.63
C THR A 206 -3.36 -10.66 9.10
N GLU A 207 -2.43 -10.28 9.97
CA GLU A 207 -1.29 -9.46 9.51
C GLU A 207 -0.38 -10.25 8.58
N LYS A 208 -0.41 -11.57 8.70
CA LYS A 208 0.37 -12.46 7.85
C LYS A 208 -0.06 -12.40 6.38
N ALA A 209 -1.30 -11.98 6.15
CA ALA A 209 -1.81 -11.73 4.80
C ALA A 209 -1.09 -10.55 4.12
N ASP A 210 -0.77 -9.52 4.91
CA ASP A 210 0.02 -8.39 4.42
C ASP A 210 1.44 -8.84 4.08
N THR A 211 1.97 -9.76 4.88
CA THR A 211 3.32 -10.28 4.71
C THR A 211 3.46 -11.03 3.36
N TYR A 212 2.41 -11.75 2.97
CA TYR A 212 2.35 -12.39 1.66
C TYR A 212 2.32 -11.34 0.55
N SER A 213 1.46 -10.33 0.69
CA SER A 213 1.37 -9.26 -0.30
C SER A 213 2.71 -8.54 -0.46
N PHE A 214 3.43 -8.39 0.65
CA PHE A 214 4.77 -7.78 0.64
C PHE A 214 5.77 -8.59 -0.19
N ALA A 215 5.72 -9.93 -0.09
CA ALA A 215 6.54 -10.80 -0.93
C ALA A 215 6.35 -10.49 -2.41
N MET A 216 5.10 -10.25 -2.81
CA MET A 216 4.76 -9.91 -4.19
C MET A 216 5.25 -8.52 -4.58
N ILE A 217 5.24 -7.59 -3.62
CA ILE A 217 5.81 -6.26 -3.82
C ILE A 217 7.33 -6.36 -4.03
N LEU A 218 8.00 -7.17 -3.21
CA LEU A 218 9.43 -7.43 -3.37
C LEU A 218 9.73 -8.01 -4.75
N TYR A 219 8.88 -8.96 -5.18
CA TYR A 219 9.02 -9.58 -6.48
C TYR A 219 8.89 -8.57 -7.61
N THR A 220 7.89 -7.69 -7.53
CA THR A 220 7.65 -6.72 -8.60
C THR A 220 8.77 -5.68 -8.71
N ILE A 221 9.31 -5.26 -7.56
CA ILE A 221 10.47 -4.36 -7.55
C ILE A 221 11.67 -5.04 -8.19
N LEU A 222 11.92 -6.29 -7.79
CA LEU A 222 13.06 -7.06 -8.31
C LEU A 222 13.04 -7.23 -9.83
N THR A 223 11.90 -7.67 -10.38
CA THR A 223 11.80 -8.02 -11.80
C THR A 223 11.28 -6.88 -12.67
N GLY A 224 10.56 -5.94 -12.07
CA GLY A 224 9.82 -4.93 -12.83
C GLY A 224 8.55 -5.50 -13.47
N GLU A 225 8.20 -6.72 -13.09
CA GLU A 225 7.09 -7.45 -13.70
C GLU A 225 5.93 -7.62 -12.72
N GLY A 226 4.72 -7.78 -13.27
CA GLY A 226 3.56 -8.08 -12.46
C GLY A 226 3.62 -9.50 -11.93
N PRO A 227 3.31 -9.71 -10.64
CA PRO A 227 3.31 -11.06 -10.09
C PRO A 227 2.26 -11.94 -10.76
N PHE A 228 2.67 -13.15 -11.14
CA PHE A 228 1.82 -14.15 -11.83
C PHE A 228 1.57 -13.87 -13.32
N ASP A 229 2.16 -12.79 -13.85
CA ASP A 229 2.00 -12.44 -15.28
C ASP A 229 2.61 -13.48 -16.21
N GLU A 230 3.47 -14.34 -15.69
CA GLU A 230 4.05 -15.41 -16.50
C GLU A 230 3.05 -16.55 -16.76
N TYR A 231 1.94 -16.56 -16.02
CA TYR A 231 0.94 -17.63 -16.13
C TYR A 231 -0.38 -17.13 -16.69
N SER A 232 -1.14 -18.03 -17.32
CA SER A 232 -2.51 -17.75 -17.71
C SER A 232 -3.42 -18.95 -17.43
N TYR A 233 -4.38 -18.75 -16.54
CA TYR A 233 -5.38 -19.77 -16.20
C TYR A 233 -6.72 -19.08 -16.03
N GLY A 234 -7.80 -19.83 -16.20
CA GLY A 234 -9.13 -19.38 -15.77
C GLY A 234 -9.10 -19.11 -14.28
N LYS A 235 -9.98 -18.24 -13.81
CA LYS A 235 -9.96 -17.75 -12.43
C LYS A 235 -10.02 -18.87 -11.37
N ILE A 236 -10.93 -19.83 -11.56
CA ILE A 236 -11.08 -20.93 -10.60
C ILE A 236 -9.81 -21.77 -10.52
N LYS A 237 -9.28 -22.16 -11.68
CA LYS A 237 -8.02 -22.90 -11.78
C LYS A 237 -6.85 -22.08 -11.18
N PHE A 238 -6.81 -20.79 -11.49
CA PHE A 238 -5.71 -19.93 -11.02
C PHE A 238 -5.64 -19.95 -9.49
N ILE A 239 -6.79 -19.69 -8.85
CA ILE A 239 -6.91 -19.71 -7.40
C ILE A 239 -6.56 -21.08 -6.79
N ASN A 240 -7.06 -22.15 -7.40
CA ASN A 240 -6.69 -23.51 -6.97
C ASN A 240 -5.19 -23.79 -7.04
N MET A 241 -4.55 -23.30 -8.11
CA MET A 241 -3.10 -23.43 -8.27
C MET A 241 -2.35 -22.70 -7.15
N ILE A 242 -2.78 -21.48 -6.84
CA ILE A 242 -2.16 -20.69 -5.78
C ILE A 242 -2.37 -21.32 -4.40
N ARG A 243 -3.61 -21.71 -4.12
CA ARG A 243 -4.00 -22.28 -2.83
C ARG A 243 -3.52 -23.72 -2.60
N GLU A 244 -3.79 -24.58 -3.57
CA GLU A 244 -3.60 -26.02 -3.37
C GLU A 244 -2.30 -26.56 -3.94
N GLU A 245 -1.75 -25.87 -4.95
CA GLU A 245 -0.56 -26.38 -5.63
C GLU A 245 0.69 -25.51 -5.46
N GLY A 246 0.61 -24.54 -4.55
CA GLY A 246 1.73 -23.65 -4.26
C GLY A 246 2.30 -22.90 -5.45
N LEU A 247 1.44 -22.55 -6.41
CA LEU A 247 1.90 -21.77 -7.57
C LEU A 247 2.38 -20.39 -7.12
N ARG A 248 3.59 -20.04 -7.52
CA ARG A 248 4.18 -18.73 -7.18
C ARG A 248 4.95 -18.20 -8.38
N PRO A 249 5.13 -16.86 -8.47
CA PRO A 249 5.98 -16.34 -9.55
C PRO A 249 7.40 -16.89 -9.47
N THR A 250 8.08 -16.99 -10.61
CA THR A 250 9.43 -17.53 -10.66
C THR A 250 10.45 -16.45 -10.29
N ILE A 251 11.21 -16.72 -9.22
CA ILE A 251 12.29 -15.80 -8.81
C ILE A 251 13.48 -16.03 -9.75
N PRO A 252 14.00 -14.96 -10.38
CA PRO A 252 15.11 -15.10 -11.33
C PRO A 252 16.33 -15.77 -10.70
N GLU A 253 17.11 -16.46 -11.53
CA GLU A 253 18.29 -17.18 -11.08
C GLU A 253 19.37 -16.26 -10.49
N ASP A 254 19.48 -15.04 -11.01
CA ASP A 254 20.48 -14.08 -10.54
C ASP A 254 20.10 -13.27 -9.28
N CYS A 255 18.93 -13.56 -8.71
CA CYS A 255 18.50 -12.93 -7.45
C CYS A 255 19.43 -13.34 -6.30
N PRO A 256 19.87 -12.37 -5.48
CA PRO A 256 20.72 -12.68 -4.33
C PRO A 256 20.04 -13.66 -3.37
N PRO A 257 20.76 -14.71 -2.94
CA PRO A 257 20.23 -15.78 -2.10
C PRO A 257 19.46 -15.30 -0.86
N ARG A 258 19.91 -14.23 -0.22
CA ARG A 258 19.23 -13.71 0.96
C ARG A 258 17.89 -13.06 0.61
N LEU A 259 17.82 -12.41 -0.55
CA LEU A 259 16.55 -11.85 -1.03
C LEU A 259 15.58 -12.97 -1.43
N ARG A 260 16.08 -13.98 -2.12
CA ARG A 260 15.27 -15.13 -2.54
C ARG A 260 14.59 -15.80 -1.33
N ASN A 261 15.38 -16.01 -0.27
CA ASN A 261 14.87 -16.60 0.96
C ASN A 261 13.77 -15.75 1.61
N VAL A 262 13.98 -14.44 1.68
CA VAL A 262 12.98 -13.54 2.25
C VAL A 262 11.68 -13.64 1.44
N ILE A 263 11.77 -13.53 0.13
CA ILE A 263 10.59 -13.61 -0.73
C ILE A 263 9.88 -14.96 -0.52
N GLU A 264 10.63 -16.06 -0.61
CA GLU A 264 10.07 -17.41 -0.48
C GLU A 264 9.35 -17.63 0.85
N LEU A 265 9.99 -17.21 1.94
CA LEU A 265 9.39 -17.33 3.26
C LEU A 265 8.16 -16.45 3.41
N CYS A 266 8.23 -15.23 2.87
CA CYS A 266 7.11 -14.29 2.96
C CYS A 266 5.85 -14.77 2.22
N TRP A 267 6.02 -15.52 1.14
CA TRP A 267 4.83 -16.05 0.44
C TRP A 267 4.50 -17.52 0.73
N SER A 268 4.92 -18.01 1.91
CA SER A 268 4.61 -19.37 2.36
C SER A 268 3.10 -19.59 2.35
N GLY A 269 2.68 -20.79 1.94
CA GLY A 269 1.28 -21.19 2.01
C GLY A 269 0.77 -21.11 3.44
N ASP A 270 1.59 -21.56 4.38
CA ASP A 270 1.31 -21.50 5.80
C ASP A 270 1.66 -20.12 6.37
N PRO A 271 0.63 -19.35 6.79
CA PRO A 271 0.82 -17.98 7.31
C PRO A 271 1.81 -17.89 8.47
N LYS A 272 1.88 -18.93 9.30
CA LYS A 272 2.76 -18.91 10.46
C LYS A 272 4.23 -19.10 10.09
N LYS A 273 4.49 -19.48 8.83
CA LYS A 273 5.85 -19.60 8.31
C LYS A 273 6.36 -18.27 7.72
N ARG A 274 5.46 -17.30 7.58
CA ARG A 274 5.82 -15.97 7.07
C ARG A 274 6.46 -15.17 8.21
N PRO A 275 7.70 -14.68 7.99
CA PRO A 275 8.51 -14.15 9.09
C PRO A 275 7.99 -12.85 9.70
N HIS A 276 8.38 -12.62 10.96
CA HIS A 276 8.19 -11.34 11.63
C HIS A 276 9.03 -10.29 10.89
N PHE A 277 8.58 -9.03 10.88
CA PHE A 277 9.25 -7.99 10.09
C PHE A 277 10.60 -7.51 10.64
N SER A 278 10.90 -7.81 11.90
CA SER A 278 12.24 -7.56 12.42
C SER A 278 13.26 -8.39 11.65
N TYR A 279 12.92 -9.65 11.38
CA TYR A 279 13.74 -10.54 10.56
C TYR A 279 13.83 -10.05 9.11
N ILE A 280 12.69 -9.68 8.53
CA ILE A 280 12.64 -9.18 7.15
C ILE A 280 13.54 -7.93 6.98
N VAL A 281 13.40 -6.96 7.87
CA VAL A 281 14.19 -5.73 7.82
C VAL A 281 15.70 -6.00 7.97
N LYS A 282 16.08 -6.84 8.92
CA LYS A 282 17.48 -7.24 9.11
C LYS A 282 18.07 -7.85 7.84
N GLU A 283 17.39 -8.84 7.27
CA GLU A 283 17.84 -9.50 6.05
C GLU A 283 17.99 -8.55 4.87
N LEU A 284 17.01 -7.68 4.67
CA LEU A 284 17.05 -6.74 3.54
C LEU A 284 18.20 -5.74 3.69
N SER A 285 18.49 -5.34 4.93
CA SER A 285 19.57 -4.39 5.22
C SER A 285 20.95 -4.98 4.90
N GLU A 286 21.04 -6.30 4.89
CA GLU A 286 22.31 -6.98 4.61
C GLU A 286 22.56 -7.23 3.11
N LEU A 287 21.60 -6.85 2.28
CA LEU A 287 21.73 -6.94 0.82
C LEU A 287 22.60 -5.82 0.28
#